data_2P03
#
_entry.id   2P03
#
_cell.length_a   1.000
_cell.length_b   1.000
_cell.length_c   1.000
_cell.angle_alpha   90.00
_cell.angle_beta   90.00
_cell.angle_gamma   90.00
#
_symmetry.space_group_name_H-M   'P 1'
#
_entity_poly.entity_id   1
_entity_poly.type   'polypeptide(L)'
_entity_poly.pdbx_seq_one_letter_code
;YSREKNQPKPSPKRESGEEFRMEKLNQLWEKAQRLHLPPVRLAELHADLKIQERDELAWKKLKLDGLDEDGEKEARLIRN
LNVILAKYGLDGKKDARQVTSNSLSGTQEDGLDDPRLEKLWHKAKTSGKFSGEELDKLWREFLHHKEKVHEYNVLLETLS
RTEEIHENVISPSDLSDIKGSVLHSRHTELKEKLRSINQGLDRLRRVSHQGYSTEAEFEEPRVIDLWDLAQSANLTDKEL
EAFREELKHFEAKIEKHNHYQKQLEIAHEKLRHAESVGDGERVSRSREKHALLEGRTKELGYTVKKHLQDLSGRISRARH
NEL
;
_entity_poly.pdbx_strand_id   A
#
# COMPACT_ATOMS: atom_id res chain seq x y z
N TYR A 1 4.70 67.27 17.44
CA TYR A 1 3.29 67.45 16.98
C TYR A 1 2.89 66.25 16.11
N SER A 2 3.89 65.65 15.46
CA SER A 2 3.63 64.50 14.60
C SER A 2 3.11 63.32 15.42
N ARG A 3 1.89 62.88 15.13
CA ARG A 3 1.29 61.76 15.85
C ARG A 3 0.23 61.10 14.99
N GLU A 4 0.66 60.34 13.98
CA GLU A 4 -0.27 59.66 13.10
C GLU A 4 -0.87 58.44 13.80
N LYS A 5 -0.98 58.51 15.11
CA LYS A 5 -1.54 57.42 15.89
C LYS A 5 -2.82 56.92 15.25
N ASN A 6 -2.70 55.89 14.41
CA ASN A 6 -3.87 55.33 13.74
C ASN A 6 -4.82 54.71 14.76
N GLN A 7 -5.78 55.49 15.23
CA GLN A 7 -6.75 55.00 16.20
C GLN A 7 -7.71 54.01 15.55
N PRO A 8 -8.22 54.35 14.40
CA PRO A 8 -9.17 53.47 13.65
C PRO A 8 -8.66 52.05 13.49
N LYS A 9 -9.58 51.11 13.31
CA LYS A 9 -9.20 49.72 13.14
C LYS A 9 -10.16 49.00 12.19
N PRO A 10 -10.06 49.31 10.92
CA PRO A 10 -10.92 48.69 9.87
C PRO A 10 -11.01 47.18 10.01
N SER A 11 -12.22 46.64 9.96
CA SER A 11 -12.42 45.20 10.08
C SER A 11 -13.79 44.81 9.55
N PRO A 12 -14.04 45.07 8.29
CA PRO A 12 -15.34 44.74 7.64
C PRO A 12 -15.50 43.24 7.39
N LYS A 13 -16.74 42.79 7.25
CA LYS A 13 -17.01 41.39 7.02
C LYS A 13 -18.13 41.22 5.98
N ARG A 14 -18.20 40.04 5.39
CA ARG A 14 -19.22 39.76 4.39
C ARG A 14 -20.48 39.21 5.05
N GLU A 15 -21.48 38.90 4.23
CA GLU A 15 -22.74 38.37 4.74
C GLU A 15 -23.26 37.25 3.85
N SER A 16 -23.42 36.06 4.43
CA SER A 16 -23.91 34.91 3.68
C SER A 16 -25.43 34.93 3.59
N GLY A 17 -26.01 33.82 3.16
CA GLY A 17 -27.46 33.71 3.04
C GLY A 17 -27.87 32.30 2.62
N GLU A 18 -28.28 31.50 3.60
CA GLU A 18 -28.70 30.14 3.32
C GLU A 18 -30.08 30.12 2.68
N GLU A 19 -30.12 30.18 1.35
CA GLU A 19 -31.39 30.17 0.63
C GLU A 19 -32.09 28.83 0.80
N PHE A 20 -31.32 27.80 1.16
CA PHE A 20 -31.89 26.47 1.36
C PHE A 20 -31.47 25.91 2.72
N ARG A 21 -31.71 24.61 2.90
CA ARG A 21 -31.35 23.96 4.15
C ARG A 21 -30.66 22.63 3.89
N MET A 22 -30.05 22.50 2.71
CA MET A 22 -29.36 21.28 2.35
C MET A 22 -28.11 21.59 1.54
N GLU A 23 -27.04 20.85 1.80
CA GLU A 23 -25.78 21.06 1.09
C GLU A 23 -26.00 20.92 -0.42
N LYS A 24 -26.94 20.08 -0.80
CA LYS A 24 -27.23 19.87 -2.23
C LYS A 24 -27.79 21.15 -2.84
N LEU A 25 -28.89 21.62 -2.30
CA LEU A 25 -29.52 22.84 -2.81
C LEU A 25 -28.55 24.00 -2.72
N ASN A 26 -27.65 23.95 -1.74
CA ASN A 26 -26.67 25.01 -1.55
C ASN A 26 -25.61 24.95 -2.64
N GLN A 27 -24.83 23.86 -2.64
CA GLN A 27 -23.78 23.70 -3.64
C GLN A 27 -24.33 23.91 -5.05
N LEU A 28 -25.54 23.41 -5.28
CA LEU A 28 -26.17 23.55 -6.59
C LEU A 28 -26.46 25.02 -6.87
N TRP A 29 -27.34 25.62 -6.07
CA TRP A 29 -27.69 27.02 -6.26
C TRP A 29 -26.43 27.85 -6.48
N GLU A 30 -25.53 27.81 -5.50
CA GLU A 30 -24.28 28.55 -5.59
C GLU A 30 -23.59 28.26 -6.92
N LYS A 31 -23.58 26.99 -7.32
CA LYS A 31 -22.95 26.60 -8.58
C LYS A 31 -23.59 27.35 -9.75
N ALA A 32 -24.89 27.16 -9.92
CA ALA A 32 -25.61 27.83 -11.01
C ALA A 32 -25.37 29.33 -10.96
N GLN A 33 -25.45 29.90 -9.75
CA GLN A 33 -25.25 31.33 -9.58
C GLN A 33 -23.87 31.73 -10.10
N ARG A 34 -22.88 30.88 -9.86
CA ARG A 34 -21.52 31.15 -10.31
C ARG A 34 -21.42 30.98 -11.82
N LEU A 35 -22.24 30.10 -12.38
CA LEU A 35 -22.24 29.84 -13.81
C LEU A 35 -22.99 30.97 -14.54
N HIS A 36 -23.88 31.64 -13.82
CA HIS A 36 -24.66 32.72 -14.42
C HIS A 36 -25.58 32.19 -15.52
N LEU A 37 -26.89 32.33 -15.31
CA LEU A 37 -27.86 31.87 -16.28
C LEU A 37 -28.94 32.92 -16.49
N PRO A 38 -29.58 32.88 -17.64
CA PRO A 38 -30.67 33.84 -17.97
C PRO A 38 -31.63 34.07 -16.81
N PRO A 39 -32.33 35.17 -16.82
CA PRO A 39 -33.30 35.52 -15.74
C PRO A 39 -34.48 34.55 -15.70
N VAL A 40 -34.96 34.17 -16.88
CA VAL A 40 -36.08 33.23 -16.97
C VAL A 40 -35.67 31.86 -16.46
N ARG A 41 -34.46 31.45 -16.83
CA ARG A 41 -33.95 30.14 -16.40
C ARG A 41 -33.71 30.14 -14.89
N LEU A 42 -33.21 31.25 -14.38
CA LEU A 42 -32.94 31.37 -12.95
C LEU A 42 -34.23 31.32 -12.15
N ALA A 43 -35.25 32.02 -12.66
CA ALA A 43 -36.55 32.05 -12.00
C ALA A 43 -37.16 30.66 -11.98
N GLU A 44 -37.40 30.11 -13.16
CA GLU A 44 -37.99 28.77 -13.28
C GLU A 44 -37.11 27.75 -12.58
N LEU A 45 -35.80 27.96 -12.62
CA LEU A 45 -34.86 27.05 -11.98
C LEU A 45 -35.04 27.09 -10.47
N HIS A 46 -34.84 28.26 -9.88
CA HIS A 46 -34.98 28.42 -8.44
C HIS A 46 -36.29 27.79 -7.97
N ALA A 47 -37.38 28.13 -8.65
CA ALA A 47 -38.68 27.58 -8.30
C ALA A 47 -38.64 26.06 -8.28
N ASP A 48 -38.26 25.48 -9.41
CA ASP A 48 -38.16 24.03 -9.52
C ASP A 48 -37.38 23.47 -8.33
N LEU A 49 -36.23 24.08 -8.05
CA LEU A 49 -35.40 23.65 -6.93
C LEU A 49 -36.23 23.57 -5.66
N LYS A 50 -36.99 24.64 -5.40
CA LYS A 50 -37.83 24.68 -4.21
C LYS A 50 -38.76 23.48 -4.18
N ILE A 51 -39.45 23.24 -5.30
CA ILE A 51 -40.37 22.11 -5.39
C ILE A 51 -39.65 20.82 -5.01
N GLN A 52 -38.43 20.67 -5.50
CA GLN A 52 -37.64 19.47 -5.19
C GLN A 52 -37.43 19.34 -3.69
N GLU A 53 -37.01 20.44 -3.05
CA GLU A 53 -36.79 20.43 -1.62
C GLU A 53 -38.05 20.01 -0.88
N ARG A 54 -39.20 20.46 -1.38
CA ARG A 54 -40.48 20.13 -0.76
C ARG A 54 -40.77 18.63 -0.95
N ASP A 55 -40.39 18.11 -2.10
CA ASP A 55 -40.62 16.69 -2.39
C ASP A 55 -39.73 15.82 -1.53
N GLU A 56 -38.42 16.05 -1.61
CA GLU A 56 -37.47 15.27 -0.83
C GLU A 56 -37.83 15.32 0.66
N LEU A 57 -38.13 16.52 1.14
CA LEU A 57 -38.50 16.69 2.54
C LEU A 57 -39.72 15.83 2.88
N ALA A 58 -40.82 16.11 2.18
CA ALA A 58 -42.05 15.35 2.41
C ALA A 58 -41.78 13.86 2.25
N TRP A 59 -40.81 13.52 1.41
CA TRP A 59 -40.47 12.12 1.19
C TRP A 59 -39.85 11.51 2.43
N LYS A 60 -38.68 12.02 2.82
CA LYS A 60 -38.01 11.50 4.00
C LYS A 60 -39.01 11.35 5.14
N LYS A 61 -39.84 12.38 5.34
CA LYS A 61 -40.84 12.34 6.39
C LYS A 61 -41.75 11.12 6.23
N LEU A 62 -42.37 11.01 5.06
CA LEU A 62 -43.26 9.88 4.79
C LEU A 62 -42.50 8.56 4.94
N LYS A 63 -41.21 8.58 4.62
CA LYS A 63 -40.39 7.39 4.74
C LYS A 63 -40.29 6.97 6.20
N LEU A 64 -40.08 7.95 7.07
CA LEU A 64 -39.96 7.68 8.49
C LEU A 64 -41.28 7.16 9.04
N ASP A 65 -42.38 7.72 8.53
CA ASP A 65 -43.70 7.31 8.97
C ASP A 65 -44.08 5.97 8.33
N GLY A 66 -43.42 5.66 7.22
CA GLY A 66 -43.69 4.41 6.51
C GLY A 66 -44.98 4.51 5.70
N LEU A 67 -44.90 5.18 4.55
CA LEU A 67 -46.07 5.34 3.70
C LEU A 67 -45.71 5.09 2.22
N ASP A 68 -44.43 5.29 1.89
CA ASP A 68 -43.98 5.08 0.52
C ASP A 68 -44.02 3.59 0.16
N GLU A 69 -45.12 3.18 -0.45
CA GLU A 69 -45.29 1.79 -0.85
C GLU A 69 -44.87 1.59 -2.30
N ASP A 70 -45.74 1.98 -3.22
CA ASP A 70 -45.46 1.83 -4.64
C ASP A 70 -44.03 2.27 -4.96
N GLY A 71 -43.38 2.87 -3.97
CA GLY A 71 -42.01 3.33 -4.15
C GLY A 71 -41.93 4.41 -5.23
N GLU A 72 -43.08 4.72 -5.82
CA GLU A 72 -43.13 5.74 -6.87
C GLU A 72 -42.64 7.08 -6.34
N LYS A 73 -42.82 7.30 -5.05
CA LYS A 73 -42.39 8.55 -4.43
C LYS A 73 -40.87 8.69 -4.53
N GLU A 74 -40.15 7.78 -3.88
CA GLU A 74 -38.70 7.80 -3.91
C GLU A 74 -38.20 7.76 -5.35
N ALA A 75 -38.91 7.03 -6.20
CA ALA A 75 -38.54 6.92 -7.60
C ALA A 75 -38.76 8.23 -8.32
N ARG A 76 -39.75 9.00 -7.87
CA ARG A 76 -40.05 10.28 -8.48
C ARG A 76 -38.98 11.30 -8.11
N LEU A 77 -38.56 11.27 -6.85
CA LEU A 77 -37.54 12.19 -6.38
C LEU A 77 -36.20 11.87 -7.06
N ILE A 78 -35.90 10.59 -7.15
CA ILE A 78 -34.65 10.15 -7.78
C ILE A 78 -34.72 10.37 -9.29
N ARG A 79 -35.85 10.02 -9.88
CA ARG A 79 -36.03 10.18 -11.31
C ARG A 79 -35.93 11.66 -11.69
N ASN A 80 -36.53 12.52 -10.88
CA ASN A 80 -36.49 13.96 -11.15
C ASN A 80 -35.08 14.51 -10.89
N LEU A 81 -34.42 13.95 -9.88
CA LEU A 81 -33.07 14.40 -9.55
C LEU A 81 -32.13 14.18 -10.72
N ASN A 82 -32.08 12.94 -11.20
CA ASN A 82 -31.21 12.60 -12.33
C ASN A 82 -31.68 13.33 -13.58
N VAL A 83 -32.99 13.38 -13.78
CA VAL A 83 -33.56 14.05 -14.95
C VAL A 83 -33.10 15.51 -14.99
N ILE A 84 -33.37 16.23 -13.91
CA ILE A 84 -33.00 17.64 -13.83
C ILE A 84 -31.49 17.79 -14.02
N LEU A 85 -30.73 16.91 -13.38
CA LEU A 85 -29.27 16.97 -13.49
C LEU A 85 -28.83 16.80 -14.94
N ALA A 86 -29.13 15.64 -15.51
CA ALA A 86 -28.76 15.36 -16.89
C ALA A 86 -29.26 16.47 -17.82
N LYS A 87 -30.38 17.08 -17.45
CA LYS A 87 -30.95 18.16 -18.24
C LYS A 87 -30.02 19.36 -18.27
N TYR A 88 -29.84 19.98 -17.10
CA TYR A 88 -28.96 21.14 -17.01
C TYR A 88 -27.53 20.76 -17.33
N GLY A 89 -27.26 19.47 -17.35
CA GLY A 89 -25.91 18.98 -17.66
C GLY A 89 -25.06 18.90 -16.40
N LEU A 90 -25.72 18.95 -15.24
CA LEU A 90 -25.02 18.88 -13.97
C LEU A 90 -24.81 17.42 -13.55
N ASP A 91 -25.17 16.50 -14.44
CA ASP A 91 -25.01 15.08 -14.15
C ASP A 91 -23.56 14.66 -14.26
N GLY A 92 -23.13 14.35 -15.48
CA GLY A 92 -21.74 13.94 -15.71
C GLY A 92 -21.64 12.42 -15.84
N LYS A 93 -21.17 11.78 -14.78
CA LYS A 93 -21.02 10.32 -14.78
C LYS A 93 -20.71 9.81 -13.38
N LYS A 94 -21.53 8.89 -12.90
CA LYS A 94 -21.33 8.33 -11.57
C LYS A 94 -20.40 7.12 -11.63
N ASP A 95 -19.62 6.93 -10.57
CA ASP A 95 -18.69 5.81 -10.51
C ASP A 95 -19.37 4.57 -9.96
N ALA A 96 -18.65 3.45 -9.96
CA ALA A 96 -19.20 2.19 -9.46
C ALA A 96 -18.10 1.34 -8.84
N ARG A 97 -18.26 1.00 -7.57
CA ARG A 97 -17.28 0.18 -6.87
C ARG A 97 -17.69 -1.28 -6.89
N GLN A 98 -16.71 -2.17 -7.02
CA GLN A 98 -16.97 -3.60 -7.05
C GLN A 98 -15.71 -4.40 -6.75
N VAL A 99 -15.83 -5.38 -5.86
CA VAL A 99 -14.68 -6.21 -5.49
C VAL A 99 -15.15 -7.49 -4.81
N THR A 100 -14.31 -8.52 -4.86
CA THR A 100 -14.64 -9.80 -4.24
C THR A 100 -13.42 -10.41 -3.57
N SER A 101 -12.24 -9.93 -3.97
CA SER A 101 -10.99 -10.44 -3.40
C SER A 101 -10.99 -11.96 -3.40
N ASN A 102 -9.84 -12.55 -3.07
CA ASN A 102 -9.72 -14.00 -3.02
C ASN A 102 -8.46 -14.42 -2.28
N SER A 103 -8.49 -15.60 -1.68
CA SER A 103 -7.34 -16.10 -0.94
C SER A 103 -7.50 -17.59 -0.63
N LEU A 104 -7.02 -18.42 -1.54
CA LEU A 104 -7.12 -19.87 -1.36
C LEU A 104 -6.37 -20.60 -2.48
N SER A 105 -5.34 -21.34 -2.10
CA SER A 105 -4.55 -22.08 -3.07
C SER A 105 -4.05 -23.40 -2.47
N GLY A 106 -3.02 -23.31 -1.65
CA GLY A 106 -2.46 -24.51 -1.01
C GLY A 106 -1.43 -25.18 -1.91
N THR A 107 -1.89 -25.73 -3.03
CA THR A 107 -1.00 -26.39 -3.97
C THR A 107 -0.07 -27.37 -3.24
N GLN A 108 0.63 -28.18 -4.00
CA GLN A 108 1.55 -29.16 -3.41
C GLN A 108 2.31 -29.90 -4.50
N GLU A 109 3.43 -29.32 -4.94
CA GLU A 109 4.25 -29.94 -5.97
C GLU A 109 5.10 -31.06 -5.39
N ASP A 110 5.67 -31.88 -6.26
CA ASP A 110 6.51 -33.00 -5.82
C ASP A 110 7.70 -32.47 -5.03
N GLY A 111 8.72 -32.02 -5.75
CA GLY A 111 9.93 -31.50 -5.10
C GLY A 111 11.03 -31.25 -6.12
N LEU A 112 11.93 -32.21 -6.26
CA LEU A 112 13.04 -32.09 -7.21
C LEU A 112 12.80 -32.98 -8.42
N ASP A 113 11.77 -32.67 -9.19
CA ASP A 113 11.45 -33.45 -10.38
C ASP A 113 11.80 -32.68 -11.65
N ASP A 114 10.95 -31.72 -12.01
CA ASP A 114 11.19 -30.91 -13.20
C ASP A 114 12.59 -30.31 -13.16
N PRO A 115 13.39 -30.56 -14.17
CA PRO A 115 14.77 -30.04 -14.25
C PRO A 115 14.85 -28.57 -13.85
N ARG A 116 13.81 -27.81 -14.16
CA ARG A 116 13.76 -26.39 -13.83
C ARG A 116 13.94 -26.20 -12.33
N LEU A 117 13.47 -27.17 -11.56
CA LEU A 117 13.58 -27.10 -10.10
C LEU A 117 14.92 -27.66 -9.63
N GLU A 118 15.17 -28.92 -9.97
CA GLU A 118 16.42 -29.57 -9.58
C GLU A 118 17.61 -28.76 -10.09
N LYS A 119 17.40 -28.00 -11.15
CA LYS A 119 18.47 -27.20 -11.72
C LYS A 119 18.99 -26.20 -10.69
N LEU A 120 18.08 -25.41 -10.13
CA LEU A 120 18.45 -24.41 -9.13
C LEU A 120 18.85 -25.08 -7.83
N TRP A 121 18.03 -26.01 -7.37
CA TRP A 121 18.29 -26.71 -6.13
C TRP A 121 19.70 -27.29 -6.12
N HIS A 122 20.08 -27.93 -7.22
CA HIS A 122 21.41 -28.52 -7.33
C HIS A 122 22.45 -27.45 -7.58
N LYS A 123 22.04 -26.38 -8.28
CA LYS A 123 22.96 -25.29 -8.58
C LYS A 123 23.59 -24.74 -7.30
N ALA A 124 22.75 -24.43 -6.32
CA ALA A 124 23.27 -23.88 -5.06
C ALA A 124 23.80 -25.00 -4.17
N LYS A 125 23.01 -26.07 -4.04
CA LYS A 125 23.41 -27.20 -3.21
C LYS A 125 24.84 -27.63 -3.55
N THR A 126 25.22 -27.46 -4.81
CA THR A 126 26.56 -27.85 -5.25
C THR A 126 27.46 -26.63 -5.40
N SER A 127 26.96 -25.60 -6.06
CA SER A 127 27.75 -24.40 -6.28
C SER A 127 28.46 -24.02 -4.99
N GLY A 128 27.93 -24.47 -3.86
CA GLY A 128 28.54 -24.16 -2.58
C GLY A 128 28.20 -25.22 -1.54
N LYS A 129 27.05 -25.04 -0.91
CA LYS A 129 26.60 -25.97 0.11
C LYS A 129 25.25 -25.51 0.65
N PHE A 130 24.57 -24.69 -0.15
CA PHE A 130 23.27 -24.16 0.22
C PHE A 130 22.28 -25.30 0.45
N SER A 131 22.69 -26.29 1.25
CA SER A 131 21.82 -27.43 1.52
C SER A 131 21.27 -27.37 2.94
N GLY A 132 19.98 -27.09 3.06
CA GLY A 132 19.34 -27.03 4.37
C GLY A 132 18.55 -25.73 4.56
N GLU A 133 19.18 -24.75 5.19
CA GLU A 133 18.53 -23.47 5.42
C GLU A 133 18.55 -22.61 4.16
N GLU A 134 19.69 -22.58 3.48
CA GLU A 134 19.81 -21.80 2.27
C GLU A 134 18.90 -22.38 1.19
N LEU A 135 18.97 -23.69 1.01
CA LEU A 135 18.13 -24.36 0.02
C LEU A 135 16.67 -24.24 0.41
N ASP A 136 16.38 -24.45 1.69
CA ASP A 136 15.02 -24.35 2.19
C ASP A 136 14.43 -23.01 1.80
N LYS A 137 15.18 -21.94 2.06
CA LYS A 137 14.74 -20.59 1.71
C LYS A 137 14.47 -20.52 0.21
N LEU A 138 15.44 -21.00 -0.57
CA LEU A 138 15.29 -21.01 -2.02
C LEU A 138 13.93 -21.58 -2.36
N TRP A 139 13.62 -22.73 -1.77
CA TRP A 139 12.33 -23.37 -1.99
C TRP A 139 11.18 -22.53 -1.47
N ARG A 140 11.34 -21.94 -0.30
CA ARG A 140 10.27 -21.12 0.22
C ARG A 140 9.76 -20.22 -0.89
N GLU A 141 10.68 -19.48 -1.51
CA GLU A 141 10.31 -18.58 -2.59
C GLU A 141 10.10 -19.32 -3.92
N PHE A 142 10.82 -20.42 -4.13
CA PHE A 142 10.67 -21.17 -5.37
C PHE A 142 9.27 -21.77 -5.48
N LEU A 143 8.91 -22.62 -4.52
CA LEU A 143 7.58 -23.22 -4.55
C LEU A 143 6.51 -22.14 -4.32
N HIS A 144 6.81 -21.16 -3.47
CA HIS A 144 5.85 -20.10 -3.22
C HIS A 144 5.57 -19.35 -4.53
N HIS A 145 6.61 -19.25 -5.36
CA HIS A 145 6.48 -18.58 -6.65
C HIS A 145 5.65 -19.43 -7.60
N LYS A 146 5.86 -20.74 -7.58
CA LYS A 146 5.12 -21.64 -8.45
C LYS A 146 3.63 -21.58 -8.16
N GLU A 147 3.27 -21.57 -6.88
CA GLU A 147 1.88 -21.53 -6.48
C GLU A 147 1.27 -20.15 -6.73
N LYS A 148 2.01 -19.10 -6.39
CA LYS A 148 1.51 -17.74 -6.56
C LYS A 148 1.47 -17.37 -8.04
N VAL A 149 2.43 -17.85 -8.83
CA VAL A 149 2.46 -17.54 -10.24
C VAL A 149 1.35 -18.25 -11.00
N HIS A 150 1.27 -19.58 -10.85
CA HIS A 150 0.22 -20.31 -11.55
C HIS A 150 -1.14 -20.00 -10.95
N GLU A 151 -1.16 -19.50 -9.72
CA GLU A 151 -2.42 -19.14 -9.07
C GLU A 151 -2.96 -17.87 -9.71
N TYR A 152 -2.12 -16.83 -9.74
CA TYR A 152 -2.53 -15.56 -10.34
C TYR A 152 -2.88 -15.79 -11.79
N ASN A 153 -2.08 -16.59 -12.48
CA ASN A 153 -2.33 -16.89 -13.88
C ASN A 153 -3.69 -17.55 -14.03
N VAL A 154 -3.98 -18.49 -13.14
CA VAL A 154 -5.26 -19.19 -13.16
C VAL A 154 -6.39 -18.18 -12.99
N LEU A 155 -6.14 -17.18 -12.14
CA LEU A 155 -7.13 -16.14 -11.89
C LEU A 155 -7.35 -15.30 -13.14
N LEU A 156 -6.26 -14.79 -13.72
CA LEU A 156 -6.36 -13.98 -14.91
C LEU A 156 -6.99 -14.78 -16.05
N GLU A 157 -6.63 -16.06 -16.12
CA GLU A 157 -7.18 -16.94 -17.15
C GLU A 157 -8.63 -17.28 -16.81
N THR A 158 -8.96 -17.19 -15.53
CA THR A 158 -10.32 -17.49 -15.08
C THR A 158 -11.25 -16.34 -15.43
N LEU A 159 -10.81 -15.11 -15.14
CA LEU A 159 -11.62 -13.93 -15.43
C LEU A 159 -11.69 -13.71 -16.94
N SER A 160 -10.59 -14.00 -17.63
CA SER A 160 -10.54 -13.82 -19.08
C SER A 160 -11.77 -14.44 -19.72
N ARG A 161 -12.15 -15.63 -19.24
CA ARG A 161 -13.31 -16.33 -19.78
C ARG A 161 -14.61 -15.67 -19.28
N THR A 162 -14.52 -15.02 -18.12
CA THR A 162 -15.68 -14.35 -17.53
C THR A 162 -16.20 -13.26 -18.47
N GLU A 163 -16.35 -13.61 -19.74
CA GLU A 163 -16.84 -12.65 -20.72
C GLU A 163 -17.58 -13.38 -21.84
N GLU A 164 -17.16 -14.60 -22.15
CA GLU A 164 -17.79 -15.39 -23.19
C GLU A 164 -18.36 -16.69 -22.60
N ILE A 165 -18.72 -16.62 -21.33
CA ILE A 165 -19.27 -17.79 -20.65
C ILE A 165 -20.49 -18.32 -21.40
N HIS A 166 -20.77 -19.60 -21.22
CA HIS A 166 -21.91 -20.23 -21.88
C HIS A 166 -22.00 -21.70 -21.49
N GLU A 167 -21.45 -22.01 -20.32
CA GLU A 167 -21.45 -23.38 -19.81
C GLU A 167 -21.09 -24.38 -20.89
N ASN A 168 -20.12 -24.03 -21.72
CA ASN A 168 -19.67 -24.91 -22.79
C ASN A 168 -18.17 -24.79 -23.02
N VAL A 169 -17.78 -23.80 -23.82
CA VAL A 169 -16.36 -23.58 -24.11
C VAL A 169 -16.15 -22.19 -24.72
N ILE A 170 -15.13 -21.50 -24.23
CA ILE A 170 -14.84 -20.16 -24.73
C ILE A 170 -14.64 -20.19 -26.25
N SER A 171 -14.89 -19.05 -26.89
CA SER A 171 -14.75 -18.95 -28.34
C SER A 171 -13.44 -18.26 -28.71
N PRO A 172 -13.02 -18.40 -29.93
CA PRO A 172 -11.76 -17.78 -30.43
C PRO A 172 -11.63 -16.31 -29.98
N SER A 173 -10.67 -16.05 -29.10
CA SER A 173 -10.45 -14.70 -28.61
C SER A 173 -9.38 -14.69 -27.51
N ASP A 174 -8.23 -14.12 -27.84
CA ASP A 174 -7.13 -14.05 -26.87
C ASP A 174 -7.63 -13.52 -25.53
N LEU A 175 -8.59 -12.60 -25.59
CA LEU A 175 -9.14 -12.00 -24.37
C LEU A 175 -10.59 -11.58 -24.60
N SER A 176 -11.40 -12.52 -25.09
CA SER A 176 -12.80 -12.22 -25.35
C SER A 176 -12.95 -10.91 -26.11
N ASP A 177 -13.31 -11.01 -27.38
CA ASP A 177 -13.48 -9.82 -28.22
C ASP A 177 -14.31 -8.77 -27.50
N ILE A 178 -13.68 -8.04 -26.59
CA ILE A 178 -14.38 -7.00 -25.83
C ILE A 178 -14.26 -5.65 -26.54
N LYS A 179 -15.02 -4.68 -26.07
CA LYS A 179 -14.99 -3.35 -26.66
C LYS A 179 -13.99 -2.46 -25.93
N GLY A 180 -13.05 -3.09 -25.22
CA GLY A 180 -12.04 -2.34 -24.49
C GLY A 180 -12.68 -1.47 -23.40
N SER A 181 -12.76 -2.00 -22.19
CA SER A 181 -13.35 -1.26 -21.08
C SER A 181 -13.22 -2.05 -19.78
N VAL A 182 -13.61 -3.32 -19.83
CA VAL A 182 -13.53 -4.18 -18.66
C VAL A 182 -12.59 -5.35 -18.90
N LEU A 183 -12.27 -6.09 -17.85
CA LEU A 183 -11.37 -7.23 -17.96
C LEU A 183 -9.97 -6.78 -18.37
N HIS A 184 -9.88 -5.58 -18.94
CA HIS A 184 -8.60 -5.04 -19.37
C HIS A 184 -7.71 -4.76 -18.16
N SER A 185 -8.26 -4.07 -17.17
CA SER A 185 -7.51 -3.74 -15.97
C SER A 185 -7.25 -4.97 -15.11
N ARG A 186 -8.16 -5.94 -15.16
CA ARG A 186 -8.00 -7.15 -14.37
C ARG A 186 -6.87 -8.02 -14.91
N HIS A 187 -6.84 -8.21 -16.23
CA HIS A 187 -5.79 -9.01 -16.84
C HIS A 187 -4.47 -8.25 -16.80
N THR A 188 -4.55 -6.94 -16.97
CA THR A 188 -3.33 -6.11 -16.94
C THR A 188 -2.69 -6.21 -15.56
N GLU A 189 -3.52 -6.05 -14.53
CA GLU A 189 -3.02 -6.14 -13.16
C GLU A 189 -2.41 -7.52 -12.92
N LEU A 190 -3.11 -8.55 -13.37
CA LEU A 190 -2.63 -9.91 -13.20
C LEU A 190 -1.25 -10.06 -13.82
N LYS A 191 -1.05 -9.44 -14.98
CA LYS A 191 0.22 -9.51 -15.68
C LYS A 191 1.27 -8.66 -14.96
N GLU A 192 0.82 -7.61 -14.29
CA GLU A 192 1.73 -6.73 -13.57
C GLU A 192 2.34 -7.44 -12.36
N LYS A 193 1.49 -8.05 -11.55
CA LYS A 193 1.95 -8.76 -10.36
C LYS A 193 2.66 -10.05 -10.74
N LEU A 194 2.10 -10.79 -11.69
CA LEU A 194 2.70 -12.05 -12.11
C LEU A 194 4.03 -11.81 -12.81
N ARG A 195 4.08 -10.80 -13.68
CA ARG A 195 5.32 -10.48 -14.39
C ARG A 195 6.36 -10.01 -13.39
N SER A 196 5.91 -9.22 -12.41
CA SER A 196 6.83 -8.72 -11.39
C SER A 196 7.41 -9.91 -10.62
N ILE A 197 6.55 -10.89 -10.34
CA ILE A 197 6.98 -12.09 -9.64
C ILE A 197 7.93 -12.88 -10.52
N ASN A 198 7.64 -12.88 -11.83
CA ASN A 198 8.49 -13.58 -12.78
C ASN A 198 9.89 -13.02 -12.72
N GLN A 199 9.99 -11.70 -12.79
CA GLN A 199 11.29 -11.04 -12.72
C GLN A 199 11.97 -11.41 -11.41
N GLY A 200 11.18 -11.43 -10.34
CA GLY A 200 11.71 -11.78 -9.02
C GLY A 200 12.38 -13.14 -9.07
N LEU A 201 11.67 -14.14 -9.59
CA LEU A 201 12.23 -15.49 -9.68
C LEU A 201 13.49 -15.46 -10.54
N ASP A 202 13.48 -14.64 -11.58
CA ASP A 202 14.64 -14.52 -12.46
C ASP A 202 15.84 -14.07 -11.63
N ARG A 203 15.59 -13.14 -10.72
CA ARG A 203 16.64 -12.65 -9.85
C ARG A 203 17.14 -13.79 -8.99
N LEU A 204 16.20 -14.62 -8.52
CA LEU A 204 16.54 -15.76 -7.70
C LEU A 204 17.53 -16.64 -8.47
N ARG A 205 17.30 -16.77 -9.77
CA ARG A 205 18.17 -17.57 -10.61
C ARG A 205 19.56 -16.95 -10.64
N ARG A 206 19.62 -15.65 -10.92
CA ARG A 206 20.89 -14.94 -10.97
C ARG A 206 21.57 -15.01 -9.60
N VAL A 207 20.76 -15.09 -8.55
CA VAL A 207 21.29 -15.16 -7.19
C VAL A 207 22.02 -16.49 -6.98
N SER A 208 21.39 -17.58 -7.41
CA SER A 208 21.99 -18.90 -7.26
C SER A 208 23.16 -19.06 -8.21
N HIS A 209 23.12 -18.34 -9.33
CA HIS A 209 24.18 -18.41 -10.33
C HIS A 209 25.17 -17.27 -10.15
N GLN A 210 24.79 -16.26 -9.39
CA GLN A 210 25.66 -15.12 -9.16
C GLN A 210 25.65 -14.71 -7.69
N GLY A 211 24.50 -14.87 -7.05
CA GLY A 211 24.37 -14.51 -5.64
C GLY A 211 25.23 -15.42 -4.77
N TYR A 212 26.23 -16.05 -5.38
CA TYR A 212 27.13 -16.94 -4.65
C TYR A 212 27.77 -16.22 -3.47
N SER A 213 28.12 -16.97 -2.44
CA SER A 213 28.74 -16.39 -1.26
C SER A 213 29.83 -15.39 -1.65
N THR A 214 30.02 -14.37 -0.82
CA THR A 214 31.03 -13.36 -1.10
C THR A 214 31.37 -12.59 0.18
N GLU A 215 30.38 -11.89 0.72
CA GLU A 215 30.59 -11.11 1.94
C GLU A 215 29.26 -10.84 2.64
N ALA A 216 29.29 -10.82 3.96
CA ALA A 216 28.08 -10.59 4.74
C ALA A 216 28.37 -10.73 6.24
N GLU A 217 28.33 -9.61 6.95
CA GLU A 217 28.58 -9.62 8.39
C GLU A 217 28.02 -8.37 9.05
N PHE A 218 26.89 -7.90 8.52
CA PHE A 218 26.24 -6.70 9.07
C PHE A 218 24.82 -7.02 9.51
N GLU A 219 23.99 -7.43 8.56
CA GLU A 219 22.60 -7.75 8.87
C GLU A 219 22.52 -9.05 9.67
N GLU A 220 21.73 -9.99 9.18
CA GLU A 220 21.58 -11.27 9.87
C GLU A 220 21.87 -12.43 8.92
N PRO A 221 23.05 -12.44 8.34
CA PRO A 221 23.47 -13.51 7.39
C PRO A 221 23.78 -14.81 8.11
N ARG A 222 24.69 -14.75 9.08
CA ARG A 222 25.06 -15.95 9.83
C ARG A 222 25.24 -15.61 11.31
N VAL A 223 25.56 -14.35 11.59
CA VAL A 223 25.76 -13.91 12.97
C VAL A 223 24.45 -14.01 13.75
N ILE A 224 23.65 -12.94 13.68
CA ILE A 224 22.37 -12.91 14.38
C ILE A 224 21.67 -14.26 14.26
N ASP A 225 21.98 -14.99 13.19
CA ASP A 225 21.38 -16.30 12.95
C ASP A 225 21.96 -17.32 13.92
N LEU A 226 23.29 -17.36 13.99
CA LEU A 226 23.96 -18.29 14.88
C LEU A 226 23.56 -18.03 16.33
N TRP A 227 23.33 -16.76 16.65
CA TRP A 227 22.93 -16.38 17.99
C TRP A 227 21.48 -16.81 18.25
N ASP A 228 20.62 -16.57 17.28
CA ASP A 228 19.21 -16.93 17.40
C ASP A 228 19.07 -18.42 17.68
N LEU A 229 19.80 -19.24 16.91
CA LEU A 229 19.73 -20.69 17.08
C LEU A 229 20.53 -21.11 18.32
N ALA A 230 21.56 -20.33 18.65
CA ALA A 230 22.39 -20.65 19.80
C ALA A 230 21.56 -21.30 20.89
N GLN A 231 20.30 -20.88 21.00
CA GLN A 231 19.40 -21.43 22.01
C GLN A 231 19.43 -22.96 21.97
N SER A 232 19.61 -23.51 20.78
CA SER A 232 19.65 -24.96 20.62
C SER A 232 21.08 -25.48 20.74
N ALA A 233 22.04 -24.55 20.66
CA ALA A 233 23.44 -24.93 20.77
C ALA A 233 23.78 -25.41 22.18
N ASN A 234 22.99 -26.36 22.67
CA ASN A 234 23.20 -26.91 24.00
C ASN A 234 23.77 -25.83 24.93
N LEU A 235 22.88 -25.05 25.53
CA LEU A 235 23.30 -23.99 26.44
C LEU A 235 22.79 -24.25 27.85
N THR A 236 22.82 -23.22 28.69
CA THR A 236 22.36 -23.36 30.07
C THR A 236 21.59 -22.11 30.50
N ASP A 237 20.59 -22.30 31.35
CA ASP A 237 19.79 -21.18 31.84
C ASP A 237 20.65 -19.93 31.96
N LYS A 238 21.53 -19.91 32.96
CA LYS A 238 22.39 -18.76 33.18
C LYS A 238 22.94 -18.25 31.85
N GLU A 239 23.89 -18.98 31.28
CA GLU A 239 24.48 -18.60 30.01
C GLU A 239 23.39 -18.07 29.07
N LEU A 240 22.25 -18.74 29.08
CA LEU A 240 21.13 -18.33 28.22
C LEU A 240 20.65 -16.94 28.65
N GLU A 241 19.87 -16.89 29.72
CA GLU A 241 19.35 -15.62 30.21
C GLU A 241 20.28 -14.48 29.80
N ALA A 242 21.58 -14.67 30.00
CA ALA A 242 22.56 -13.65 29.65
C ALA A 242 22.55 -13.42 28.15
N PHE A 243 22.61 -14.51 27.39
CA PHE A 243 22.61 -14.43 25.93
C PHE A 243 21.28 -13.89 25.43
N ARG A 244 20.22 -14.11 26.21
CA ARG A 244 18.90 -13.64 25.84
C ARG A 244 18.84 -12.13 25.90
N GLU A 245 19.10 -11.59 27.10
CA GLU A 245 19.07 -10.14 27.29
C GLU A 245 20.03 -9.47 26.30
N GLU A 246 21.26 -9.96 26.26
CA GLU A 246 22.26 -9.40 25.35
C GLU A 246 21.72 -9.37 23.92
N LEU A 247 21.23 -10.51 23.45
CA LEU A 247 20.68 -10.59 22.10
C LEU A 247 19.57 -9.55 21.92
N LYS A 248 18.55 -9.64 22.77
CA LYS A 248 17.44 -8.69 22.70
C LYS A 248 17.96 -7.29 22.42
N HIS A 249 18.91 -6.85 23.22
CA HIS A 249 19.49 -5.52 23.05
C HIS A 249 20.11 -5.40 21.67
N PHE A 250 20.79 -6.47 21.23
CA PHE A 250 21.42 -6.47 19.92
C PHE A 250 20.38 -6.41 18.82
N GLU A 251 19.66 -7.52 18.62
CA GLU A 251 18.63 -7.59 17.60
C GLU A 251 17.85 -6.28 17.55
N ALA A 252 17.57 -5.71 18.72
CA ALA A 252 16.83 -4.46 18.79
C ALA A 252 17.68 -3.32 18.24
N LYS A 253 18.96 -3.32 18.57
CA LYS A 253 19.87 -2.29 18.10
C LYS A 253 20.00 -2.33 16.59
N ILE A 254 20.44 -3.47 16.06
CA ILE A 254 20.59 -3.63 14.61
C ILE A 254 19.29 -3.28 13.91
N GLU A 255 18.21 -3.91 14.33
CA GLU A 255 16.90 -3.66 13.72
C GLU A 255 16.65 -2.16 13.63
N LYS A 256 16.80 -1.47 14.76
CA LYS A 256 16.60 -0.03 14.79
C LYS A 256 17.46 0.66 13.75
N HIS A 257 18.73 0.27 13.70
CA HIS A 257 19.66 0.85 12.73
C HIS A 257 19.10 0.73 11.32
N ASN A 258 18.52 -0.43 11.02
CA ASN A 258 17.94 -0.65 9.71
C ASN A 258 16.77 0.30 9.47
N HIS A 259 15.90 0.42 10.46
CA HIS A 259 14.75 1.31 10.34
C HIS A 259 15.21 2.75 10.14
N TYR A 260 16.15 3.18 10.97
CA TYR A 260 16.68 4.54 10.88
C TYR A 260 17.46 4.71 9.58
N GLN A 261 18.00 3.60 9.06
CA GLN A 261 18.76 3.64 7.83
C GLN A 261 17.84 3.99 6.65
N LYS A 262 16.76 3.23 6.51
CA LYS A 262 15.81 3.46 5.44
C LYS A 262 15.18 4.84 5.59
N GLN A 263 14.68 5.13 6.80
CA GLN A 263 14.07 6.42 7.07
C GLN A 263 15.07 7.54 6.87
N LEU A 264 16.33 7.25 7.14
CA LEU A 264 17.40 8.24 7.00
C LEU A 264 17.58 8.60 5.53
N GLU A 265 17.66 7.58 4.68
CA GLU A 265 17.83 7.79 3.26
C GLU A 265 16.65 8.58 2.70
N ILE A 266 15.44 8.11 3.00
CA ILE A 266 14.24 8.78 2.52
C ILE A 266 14.22 10.24 2.96
N ALA A 267 14.44 10.45 4.26
CA ALA A 267 14.45 11.80 4.81
C ALA A 267 15.57 12.62 4.18
N HIS A 268 16.71 11.98 3.94
CA HIS A 268 17.85 12.67 3.34
C HIS A 268 17.45 13.26 1.98
N GLU A 269 16.83 12.43 1.14
CA GLU A 269 16.41 12.88 -0.18
C GLU A 269 15.38 14.00 -0.05
N LYS A 270 14.31 13.73 0.71
CA LYS A 270 13.27 14.72 0.91
C LYS A 270 13.86 16.03 1.44
N LEU A 271 14.87 15.91 2.29
CA LEU A 271 15.51 17.08 2.87
C LEU A 271 16.31 17.83 1.80
N ARG A 272 17.32 17.16 1.26
CA ARG A 272 18.16 17.77 0.22
C ARG A 272 17.29 18.51 -0.78
N HIS A 273 16.17 17.91 -1.16
CA HIS A 273 15.26 18.52 -2.12
C HIS A 273 14.48 19.66 -1.46
N ALA A 274 14.13 19.48 -0.20
CA ALA A 274 13.38 20.49 0.54
C ALA A 274 14.19 21.77 0.67
N GLU A 275 15.51 21.62 0.64
CA GLU A 275 16.40 22.78 0.76
C GLU A 275 16.36 23.62 -0.52
N SER A 276 15.99 22.99 -1.62
CA SER A 276 15.90 23.68 -2.90
C SER A 276 14.57 24.41 -3.03
N VAL A 277 13.70 24.24 -2.04
CA VAL A 277 12.40 24.89 -2.06
C VAL A 277 12.53 26.35 -2.46
N GLY A 278 13.49 27.04 -1.85
CA GLY A 278 13.70 28.45 -2.14
C GLY A 278 12.86 29.34 -1.24
N ASP A 279 13.07 29.22 0.06
CA ASP A 279 12.32 30.02 1.03
C ASP A 279 12.85 29.80 2.44
N GLY A 280 12.98 28.53 2.82
CA GLY A 280 13.48 28.19 4.15
C GLY A 280 12.34 28.16 5.16
N GLU A 281 11.95 26.96 5.57
CA GLU A 281 10.86 26.80 6.54
C GLU A 281 11.10 25.58 7.42
N ARG A 282 11.16 24.41 6.78
CA ARG A 282 11.38 23.16 7.52
C ARG A 282 12.83 22.71 7.38
N VAL A 283 13.65 23.55 6.74
CA VAL A 283 15.05 23.22 6.55
C VAL A 283 15.77 23.11 7.89
N SER A 284 15.43 24.00 8.82
CA SER A 284 16.05 23.99 10.14
C SER A 284 15.84 22.64 10.81
N ARG A 285 14.62 22.41 11.31
CA ARG A 285 14.30 21.15 11.98
C ARG A 285 14.76 19.97 11.13
N SER A 286 14.50 20.05 9.83
CA SER A 286 14.88 18.98 8.91
C SER A 286 16.37 18.65 9.07
N ARG A 287 17.21 19.66 8.90
CA ARG A 287 18.66 19.46 9.02
C ARG A 287 19.01 18.95 10.41
N GLU A 288 18.24 19.38 11.41
CA GLU A 288 18.48 18.95 12.78
C GLU A 288 18.31 17.44 12.91
N LYS A 289 17.07 16.97 12.80
CA LYS A 289 16.79 15.55 12.91
C LYS A 289 17.60 14.78 11.87
N HIS A 290 17.92 15.43 10.77
CA HIS A 290 18.69 14.79 9.71
C HIS A 290 20.06 14.36 10.23
N ALA A 291 20.89 15.34 10.57
CA ALA A 291 22.23 15.05 11.09
C ALA A 291 22.14 14.13 12.30
N LEU A 292 21.19 14.43 13.19
CA LEU A 292 21.01 13.62 14.39
C LEU A 292 20.83 12.15 14.01
N LEU A 293 19.81 11.87 13.21
CA LEU A 293 19.56 10.50 12.79
C LEU A 293 20.81 9.87 12.22
N GLU A 294 21.50 10.61 11.34
CA GLU A 294 22.72 10.12 10.72
C GLU A 294 23.74 9.77 11.80
N GLY A 295 23.84 10.62 12.81
CA GLY A 295 24.78 10.39 13.90
C GLY A 295 24.50 9.07 14.60
N ARG A 296 23.27 8.92 15.09
CA ARG A 296 22.89 7.69 15.78
C ARG A 296 23.06 6.49 14.86
N THR A 297 22.90 6.72 13.56
CA THR A 297 23.04 5.64 12.58
C THR A 297 24.47 5.12 12.58
N LYS A 298 25.43 6.01 12.37
CA LYS A 298 26.84 5.62 12.37
C LYS A 298 27.21 4.96 13.69
N GLU A 299 26.84 5.61 14.79
CA GLU A 299 27.13 5.06 16.12
C GLU A 299 26.60 3.65 16.24
N LEU A 300 25.37 3.44 15.79
CA LEU A 300 24.75 2.12 15.86
C LEU A 300 25.61 1.11 15.10
N GLY A 301 25.94 1.43 13.86
CA GLY A 301 26.75 0.55 13.04
C GLY A 301 28.01 0.12 13.80
N TYR A 302 28.71 1.11 14.36
CA TYR A 302 29.93 0.83 15.11
C TYR A 302 29.63 -0.14 16.25
N THR A 303 28.52 0.10 16.94
CA THR A 303 28.12 -0.75 18.05
C THR A 303 27.92 -2.19 17.58
N VAL A 304 27.13 -2.35 16.54
CA VAL A 304 26.86 -3.68 16.00
C VAL A 304 28.16 -4.37 15.62
N LYS A 305 29.11 -3.59 15.09
CA LYS A 305 30.41 -4.14 14.71
C LYS A 305 31.13 -4.71 15.92
N LYS A 306 31.32 -3.88 16.93
CA LYS A 306 31.99 -4.32 18.15
C LYS A 306 31.29 -5.53 18.74
N HIS A 307 29.99 -5.40 18.98
CA HIS A 307 29.20 -6.50 19.55
C HIS A 307 29.29 -7.72 18.64
N LEU A 308 29.45 -7.48 17.34
CA LEU A 308 29.55 -8.58 16.39
C LEU A 308 30.81 -9.40 16.65
N GLN A 309 31.96 -8.73 16.67
CA GLN A 309 33.22 -9.41 16.91
C GLN A 309 33.19 -10.11 18.27
N ASP A 310 32.60 -9.44 19.26
CA ASP A 310 32.51 -10.01 20.60
C ASP A 310 31.56 -11.20 20.62
N LEU A 311 30.27 -10.93 20.50
CA LEU A 311 29.26 -11.98 20.49
C LEU A 311 29.74 -13.17 19.66
N SER A 312 30.43 -12.88 18.57
CA SER A 312 30.93 -13.93 17.69
C SER A 312 32.02 -14.74 18.39
N GLY A 313 33.17 -14.11 18.59
CA GLY A 313 34.29 -14.76 19.25
C GLY A 313 33.89 -15.29 20.62
N ARG A 314 32.69 -14.92 21.06
CA ARG A 314 32.20 -15.37 22.36
C ARG A 314 31.30 -16.58 22.21
N ILE A 315 30.12 -16.38 21.62
CA ILE A 315 29.18 -17.47 21.42
C ILE A 315 29.91 -18.80 21.33
N SER A 316 30.66 -18.99 20.24
CA SER A 316 31.42 -20.22 20.05
C SER A 316 31.77 -20.85 21.39
N ARG A 317 31.85 -22.18 21.42
CA ARG A 317 32.20 -22.88 22.65
C ARG A 317 31.16 -22.61 23.73
N ALA A 318 31.14 -21.38 24.24
CA ALA A 318 30.19 -21.01 25.28
C ALA A 318 30.52 -21.72 26.59
N ARG A 319 31.58 -21.27 27.24
CA ARG A 319 32.00 -21.88 28.51
C ARG A 319 30.88 -21.78 29.54
N HIS A 320 31.23 -21.98 30.81
CA HIS A 320 30.25 -21.91 31.89
C HIS A 320 30.15 -20.49 32.43
N ASN A 321 31.24 -19.74 32.32
CA ASN A 321 31.27 -18.37 32.81
C ASN A 321 30.37 -17.48 31.96
N GLU A 322 29.16 -17.98 31.66
CA GLU A 322 28.22 -17.23 30.86
C GLU A 322 28.81 -16.90 29.49
N LEU A 323 29.70 -15.91 29.47
CA LEU A 323 30.34 -15.51 28.22
C LEU A 323 29.30 -14.99 27.23
#